data_4UWH
#
_entry.id   4UWH
#
_cell.length_a   88.825
_cell.length_b   145.456
_cell.length_c   61.352
_cell.angle_alpha   90.00
_cell.angle_beta   90.00
_cell.angle_gamma   90.00
#
_symmetry.space_group_name_H-M   'P 21 21 2'
#
loop_
_entity.id
_entity.type
_entity.pdbx_description
1 polymer 'PHOSPHATIDYLINOSITOL 3-KINASE CATALYTIC SUBUNIT TYPE 3'
2 non-polymer 'SODIUM ION'
3 non-polymer (8S)-9-[(2R)-2-hydroxy-2-phenylethyl]-2-(morpholin-4-yl)-8-(trifluoromethyl)-6,7,8,9-tetrahydro-4H-pyrimido[1,2-a]pyrimidin-4-one
4 water water
#
_entity_poly.entity_id   1
_entity_poly.type   'polypeptide(L)'
_entity_poly.pdbx_seq_one_letter_code
;GAMSDHDLKPNAATRDQLNIIVSYPPTKQLTYEEQDLVWKFRYYLTNQEKALTKFLKCVNWDLPQEAKQALELLGKWKPM
DVEDSLELLSSHYTNPTVRRYAVARLRQADDEDLLMYLLQLVQALKYENFDDIKNGLEPTKKDSQSSVSENVSNSGINSA
EIDSSQIITSPLPSVSSPPPASKTKEVPDGENLEQDLCTFLISRACKNSTLANYLYWYVIVECEDQDTQQRDPKTHEMYL
NVMRRFSQALLKGDKSVRVMRSLLAAQQTFVDRLVHLMKAVQRESGNRKKKNERLQALLGDNEKMNLSDVELIPLPLEPQ
VKIRGIIPETATLFKSALMPAQLFFKTEDGGKYPVIFKHGDDLRQDQLILQIISLMDKLLRKENLDLKLTPYKVLATSTK
HGFMQFIQSVPVAEVLDTEGSIQNFFRKYAPSENGPNGISAEVMDTYVKSCAGYCVITYILGVGDRHLDNLLLTKTGKLF
HIDFGYILGRDPKPLPPPMKLNKEMVEGMGGTQSEQYQEFRKQCYTAFLHLRRYSNLILNLFSLMVDANIPDIALEPDKT
VKKVQDKFRLDLSDEEAVHYMQSLIDESVHALFAAVVEQIH
;
_entity_poly.pdbx_strand_id   A
#
# COMPACT_ATOMS: atom_id res chain seq x y z
N ASP A 7 -24.24 2.19 -37.33
CA ASP A 7 -23.77 3.18 -36.36
C ASP A 7 -23.22 4.43 -37.02
N LEU A 8 -23.29 5.58 -36.32
CA LEU A 8 -22.80 6.87 -36.76
C LEU A 8 -21.27 6.89 -36.72
N LYS A 9 -20.62 7.17 -37.87
CA LYS A 9 -19.17 7.21 -37.99
C LYS A 9 -18.65 8.66 -38.06
N PRO A 10 -17.81 9.10 -37.11
CA PRO A 10 -17.29 10.48 -37.17
C PRO A 10 -16.20 10.65 -38.23
N ASN A 11 -16.05 11.88 -38.75
CA ASN A 11 -15.02 12.20 -39.75
C ASN A 11 -13.63 12.22 -39.11
N ALA A 12 -12.57 12.27 -39.94
CA ALA A 12 -11.17 12.30 -39.50
C ALA A 12 -10.87 13.37 -38.45
N ALA A 13 -11.39 14.59 -38.62
CA ALA A 13 -11.19 15.71 -37.69
C ALA A 13 -11.84 15.43 -36.32
N THR A 14 -13.07 14.86 -36.32
CA THR A 14 -13.79 14.50 -35.10
C THR A 14 -13.12 13.32 -34.38
N ARG A 15 -12.63 12.32 -35.15
CA ARG A 15 -11.93 11.14 -34.59
C ARG A 15 -10.68 11.58 -33.84
N ASP A 16 -9.93 12.57 -34.38
CA ASP A 16 -8.73 13.13 -33.77
C ASP A 16 -9.10 13.90 -32.51
N GLN A 17 -10.22 14.65 -32.55
CA GLN A 17 -10.77 15.42 -31.44
C GLN A 17 -11.18 14.47 -30.30
N LEU A 18 -11.77 13.32 -30.66
CA LEU A 18 -12.18 12.30 -29.69
C LEU A 18 -10.97 11.60 -29.08
N ASN A 19 -9.89 11.38 -29.87
CA ASN A 19 -8.65 10.78 -29.39
C ASN A 19 -7.96 11.63 -28.31
N ILE A 20 -8.00 12.97 -28.46
CA ILE A 20 -7.44 13.93 -27.49
C ILE A 20 -8.20 13.81 -26.15
N ILE A 21 -9.56 13.76 -26.21
CA ILE A 21 -10.43 13.61 -25.04
C ILE A 21 -10.12 12.29 -24.32
N VAL A 22 -9.99 11.18 -25.08
CA VAL A 22 -9.67 9.83 -24.57
C VAL A 22 -8.29 9.82 -23.85
N SER A 23 -7.34 10.63 -24.33
CA SER A 23 -5.98 10.74 -23.79
C SER A 23 -5.86 11.67 -22.56
N TYR A 24 -6.98 12.32 -22.13
CA TYR A 24 -6.99 13.23 -20.97
C TYR A 24 -6.51 12.54 -19.68
N PRO A 25 -5.78 13.25 -18.77
CA PRO A 25 -5.33 12.60 -17.53
C PRO A 25 -6.50 12.27 -16.58
N PRO A 26 -6.33 11.33 -15.61
CA PRO A 26 -7.46 10.95 -14.72
C PRO A 26 -8.27 12.06 -14.03
N THR A 27 -7.61 13.13 -13.53
CA THR A 27 -8.32 14.23 -12.84
C THR A 27 -9.11 15.16 -13.77
N LYS A 28 -8.74 15.21 -15.07
CA LYS A 28 -9.36 16.08 -16.08
C LYS A 28 -10.86 15.88 -16.24
N GLN A 29 -11.62 16.94 -15.95
CA GLN A 29 -13.08 16.93 -16.07
C GLN A 29 -13.49 17.33 -17.48
N LEU A 30 -14.40 16.57 -18.07
CA LEU A 30 -14.92 16.81 -19.41
C LEU A 30 -15.95 17.93 -19.35
N THR A 31 -15.87 18.89 -20.29
CA THR A 31 -16.84 19.99 -20.38
C THR A 31 -18.15 19.39 -20.90
N TYR A 32 -19.30 20.05 -20.67
CA TYR A 32 -20.58 19.56 -21.15
C TYR A 32 -20.62 19.38 -22.67
N GLU A 33 -19.92 20.26 -23.41
CA GLU A 33 -19.81 20.19 -24.88
C GLU A 33 -18.98 18.98 -25.31
N GLU A 34 -17.90 18.66 -24.56
CA GLU A 34 -17.08 17.46 -24.81
C GLU A 34 -17.91 16.20 -24.53
N GLN A 35 -18.74 16.26 -23.46
CA GLN A 35 -19.63 15.17 -23.08
C GLN A 35 -20.67 14.91 -24.17
N ASP A 36 -21.26 15.99 -24.73
CA ASP A 36 -22.24 15.92 -25.83
C ASP A 36 -21.63 15.23 -27.05
N LEU A 37 -20.35 15.54 -27.36
CA LEU A 37 -19.61 14.95 -28.48
C LEU A 37 -19.32 13.46 -28.24
N VAL A 38 -18.85 13.10 -27.03
CA VAL A 38 -18.56 11.71 -26.67
C VAL A 38 -19.86 10.88 -26.72
N TRP A 39 -20.97 11.45 -26.21
CA TRP A 39 -22.29 10.81 -26.21
C TRP A 39 -22.80 10.61 -27.64
N LYS A 40 -22.63 11.62 -28.53
CA LYS A 40 -23.06 11.54 -29.93
C LYS A 40 -22.40 10.36 -30.67
N PHE A 41 -21.11 10.12 -30.40
CA PHE A 41 -20.35 9.05 -31.03
C PHE A 41 -20.01 7.90 -30.09
N ARG A 42 -20.92 7.61 -29.12
CA ARG A 42 -20.76 6.54 -28.13
C ARG A 42 -20.59 5.16 -28.76
N TYR A 43 -21.35 4.87 -29.84
CA TYR A 43 -21.29 3.58 -30.55
C TYR A 43 -19.97 3.38 -31.29
N TYR A 44 -19.38 4.47 -31.82
CA TYR A 44 -18.08 4.42 -32.49
C TYR A 44 -16.98 4.12 -31.46
N LEU A 45 -17.03 4.79 -30.29
CA LEU A 45 -16.05 4.66 -29.21
C LEU A 45 -16.03 3.30 -28.52
N THR A 46 -17.06 2.47 -28.78
CA THR A 46 -17.23 1.11 -28.25
C THR A 46 -16.04 0.18 -28.63
N ASN A 47 -15.34 0.50 -29.75
CA ASN A 47 -14.19 -0.23 -30.27
C ASN A 47 -12.87 0.15 -29.54
N GLN A 48 -12.91 1.20 -28.70
CA GLN A 48 -11.76 1.69 -27.93
C GLN A 48 -12.00 1.46 -26.44
N GLU A 49 -11.24 0.54 -25.82
CA GLU A 49 -11.38 0.23 -24.38
C GLU A 49 -11.02 1.42 -23.47
N LYS A 50 -10.08 2.28 -23.91
CA LYS A 50 -9.64 3.46 -23.15
C LYS A 50 -10.69 4.58 -23.14
N ALA A 51 -11.66 4.55 -24.07
CA ALA A 51 -12.73 5.53 -24.18
C ALA A 51 -13.86 5.33 -23.17
N LEU A 52 -14.01 4.09 -22.65
CA LEU A 52 -15.06 3.69 -21.70
C LEU A 52 -15.17 4.60 -20.46
N THR A 53 -14.03 4.90 -19.81
CA THR A 53 -14.00 5.76 -18.62
C THR A 53 -14.38 7.20 -18.94
N LYS A 54 -14.13 7.66 -20.18
CA LYS A 54 -14.50 9.01 -20.62
C LYS A 54 -16.00 9.05 -20.86
N PHE A 55 -16.56 7.98 -21.48
CA PHE A 55 -17.99 7.83 -21.75
C PHE A 55 -18.80 7.80 -20.46
N LEU A 56 -18.34 7.05 -19.45
CA LEU A 56 -19.04 6.94 -18.17
C LEU A 56 -19.05 8.25 -17.37
N LYS A 57 -18.13 9.18 -17.69
CA LYS A 57 -18.04 10.51 -17.10
C LYS A 57 -19.12 11.45 -17.68
N CYS A 58 -19.79 11.03 -18.78
CA CYS A 58 -20.84 11.80 -19.46
C CYS A 58 -22.23 11.49 -18.90
N VAL A 59 -22.33 10.45 -18.07
CA VAL A 59 -23.59 9.94 -17.53
C VAL A 59 -24.01 10.60 -16.22
N ASN A 60 -25.27 11.06 -16.17
CA ASN A 60 -25.89 11.58 -14.96
C ASN A 60 -26.65 10.37 -14.41
N TRP A 61 -26.05 9.70 -13.42
CA TRP A 61 -26.59 8.47 -12.81
C TRP A 61 -27.93 8.64 -12.07
N ASP A 62 -28.35 9.89 -11.82
CA ASP A 62 -29.64 10.19 -11.18
C ASP A 62 -30.79 10.15 -12.20
N LEU A 63 -30.47 10.09 -13.51
CA LEU A 63 -31.46 10.00 -14.59
C LEU A 63 -31.56 8.51 -14.98
N PRO A 64 -32.66 7.81 -14.59
CA PRO A 64 -32.76 6.36 -14.86
C PRO A 64 -32.53 5.88 -16.28
N GLN A 65 -33.10 6.58 -17.29
CA GLN A 65 -32.93 6.19 -18.69
C GLN A 65 -31.52 6.43 -19.19
N GLU A 66 -30.87 7.53 -18.76
CA GLU A 66 -29.48 7.83 -19.13
C GLU A 66 -28.56 6.74 -18.55
N ALA A 67 -28.82 6.32 -17.29
CA ALA A 67 -28.09 5.24 -16.62
C ALA A 67 -28.30 3.93 -17.40
N LYS A 68 -29.56 3.65 -17.81
CA LYS A 68 -29.92 2.45 -18.58
C LYS A 68 -29.22 2.43 -19.95
N GLN A 69 -29.17 3.59 -20.66
CA GLN A 69 -28.50 3.73 -21.96
C GLN A 69 -27.01 3.41 -21.82
N ALA A 70 -26.38 3.93 -20.74
CA ALA A 70 -24.96 3.73 -20.43
C ALA A 70 -24.63 2.27 -20.16
N LEU A 71 -25.51 1.56 -19.43
CA LEU A 71 -25.34 0.14 -19.10
C LEU A 71 -25.41 -0.77 -20.33
N GLU A 72 -26.25 -0.40 -21.32
CA GLU A 72 -26.37 -1.15 -22.57
C GLU A 72 -25.08 -1.04 -23.39
N LEU A 73 -24.46 0.15 -23.40
CA LEU A 73 -23.20 0.41 -24.09
C LEU A 73 -22.02 -0.22 -23.37
N LEU A 74 -22.08 -0.25 -22.02
CA LEU A 74 -21.07 -0.85 -21.14
C LEU A 74 -20.95 -2.35 -21.47
N GLY A 75 -22.10 -3.00 -21.74
CA GLY A 75 -22.16 -4.41 -22.11
C GLY A 75 -21.71 -4.71 -23.53
N LYS A 76 -21.67 -3.68 -24.40
CA LYS A 76 -21.26 -3.79 -25.81
C LYS A 76 -19.81 -3.34 -26.03
N TRP A 77 -19.26 -2.55 -25.08
CA TRP A 77 -17.91 -2.00 -25.13
C TRP A 77 -16.83 -3.08 -25.14
N LYS A 78 -15.67 -2.76 -25.76
CA LYS A 78 -14.52 -3.66 -25.81
C LYS A 78 -14.03 -3.86 -24.36
N PRO A 79 -13.81 -5.12 -23.90
CA PRO A 79 -13.43 -5.34 -22.49
C PRO A 79 -12.36 -4.39 -21.94
N MET A 80 -12.68 -3.76 -20.80
CA MET A 80 -11.80 -2.79 -20.13
C MET A 80 -10.57 -3.46 -19.48
N ASP A 81 -9.53 -2.67 -19.15
CA ASP A 81 -8.31 -3.13 -18.47
C ASP A 81 -8.57 -3.12 -16.94
N VAL A 82 -7.66 -3.73 -16.14
CA VAL A 82 -7.79 -3.78 -14.66
C VAL A 82 -7.85 -2.37 -14.04
N GLU A 83 -7.01 -1.45 -14.53
CA GLU A 83 -6.95 -0.06 -14.07
C GLU A 83 -8.31 0.59 -14.13
N ASP A 84 -8.97 0.47 -15.29
CA ASP A 84 -10.30 1.02 -15.55
C ASP A 84 -11.37 0.40 -14.65
N SER A 85 -11.22 -0.89 -14.29
CA SER A 85 -12.16 -1.57 -13.38
C SER A 85 -12.03 -1.00 -11.97
N LEU A 86 -10.81 -0.58 -11.60
CA LEU A 86 -10.55 0.05 -10.30
C LEU A 86 -11.21 1.42 -10.20
N GLU A 87 -11.30 2.14 -11.33
CA GLU A 87 -11.96 3.45 -11.40
C GLU A 87 -13.48 3.28 -11.18
N LEU A 88 -14.06 2.17 -11.70
CA LEU A 88 -15.49 1.88 -11.60
C LEU A 88 -15.93 1.45 -10.19
N LEU A 89 -14.97 1.20 -9.28
CA LEU A 89 -15.24 0.84 -7.90
C LEU A 89 -14.98 2.01 -6.93
N SER A 90 -14.60 3.17 -7.48
CA SER A 90 -14.38 4.40 -6.69
C SER A 90 -15.72 5.02 -6.26
N SER A 91 -15.65 6.09 -5.43
CA SER A 91 -16.81 6.83 -4.92
C SER A 91 -17.67 7.42 -6.03
N HIS A 92 -17.07 7.68 -7.20
CA HIS A 92 -17.71 8.28 -8.38
C HIS A 92 -18.80 7.42 -9.00
N TYR A 93 -18.73 6.08 -8.85
CA TYR A 93 -19.71 5.15 -9.45
C TYR A 93 -20.45 4.30 -8.43
N THR A 94 -21.69 4.73 -8.08
CA THR A 94 -22.55 4.04 -7.11
C THR A 94 -23.61 3.15 -7.77
N ASN A 95 -23.73 3.19 -9.12
CA ASN A 95 -24.69 2.36 -9.85
C ASN A 95 -24.28 0.88 -9.67
N PRO A 96 -25.18 0.02 -9.12
CA PRO A 96 -24.79 -1.38 -8.86
C PRO A 96 -24.29 -2.18 -10.06
N THR A 97 -24.91 -2.00 -11.25
CA THR A 97 -24.52 -2.71 -12.47
C THR A 97 -23.12 -2.32 -12.95
N VAL A 98 -22.75 -1.03 -12.84
CA VAL A 98 -21.42 -0.51 -13.20
C VAL A 98 -20.38 -1.22 -12.31
N ARG A 99 -20.67 -1.31 -11.00
CA ARG A 99 -19.82 -1.95 -9.99
C ARG A 99 -19.70 -3.45 -10.23
N ARG A 100 -20.78 -4.10 -10.74
CA ARG A 100 -20.80 -5.53 -11.10
C ARG A 100 -19.87 -5.81 -12.28
N TYR A 101 -19.84 -4.88 -13.28
CA TYR A 101 -18.99 -4.99 -14.47
CA TYR A 101 -18.99 -5.01 -14.46
C TYR A 101 -17.52 -4.93 -14.06
N ALA A 102 -17.18 -4.04 -13.11
CA ALA A 102 -15.82 -3.86 -12.59
C ALA A 102 -15.36 -5.15 -11.88
N VAL A 103 -16.27 -5.77 -11.10
CA VAL A 103 -16.02 -7.04 -10.40
C VAL A 103 -15.80 -8.15 -11.44
N ALA A 104 -16.60 -8.15 -12.54
CA ALA A 104 -16.48 -9.12 -13.64
C ALA A 104 -15.10 -9.03 -14.29
N ARG A 105 -14.51 -7.82 -14.35
CA ARG A 105 -13.15 -7.65 -14.89
C ARG A 105 -12.10 -8.18 -13.91
N LEU A 106 -12.24 -7.87 -12.61
CA LEU A 106 -11.32 -8.35 -11.56
C LEU A 106 -11.30 -9.87 -11.44
N ARG A 107 -12.41 -10.54 -11.80
CA ARG A 107 -12.55 -12.00 -11.79
C ARG A 107 -11.57 -12.65 -12.77
N GLN A 108 -11.23 -11.92 -13.85
CA GLN A 108 -10.29 -12.35 -14.89
C GLN A 108 -8.83 -12.16 -14.48
N ALA A 109 -8.58 -11.32 -13.46
CA ALA A 109 -7.22 -11.05 -12.96
C ALA A 109 -6.75 -12.18 -12.05
N ASP A 110 -5.42 -12.39 -11.97
CA ASP A 110 -4.80 -13.40 -11.11
C ASP A 110 -4.82 -12.91 -9.66
N ASP A 111 -4.72 -13.85 -8.70
CA ASP A 111 -4.69 -13.53 -7.27
C ASP A 111 -3.47 -12.66 -6.90
N GLU A 112 -2.36 -12.80 -7.64
CA GLU A 112 -1.14 -12.02 -7.48
C GLU A 112 -1.44 -10.52 -7.64
N ASP A 113 -2.18 -10.17 -8.72
CA ASP A 113 -2.60 -8.80 -9.02
C ASP A 113 -3.66 -8.32 -8.04
N LEU A 114 -4.63 -9.18 -7.70
CA LEU A 114 -5.70 -8.91 -6.74
C LEU A 114 -5.15 -8.53 -5.37
N LEU A 115 -4.06 -9.22 -4.93
CA LEU A 115 -3.38 -8.94 -3.66
C LEU A 115 -2.75 -7.54 -3.63
N MET A 116 -2.21 -7.09 -4.77
CA MET A 116 -1.61 -5.77 -4.95
C MET A 116 -2.62 -4.63 -4.74
N TYR A 117 -3.92 -4.89 -5.02
CA TYR A 117 -4.98 -3.90 -4.91
C TYR A 117 -5.96 -4.14 -3.76
N LEU A 118 -5.77 -5.23 -2.98
CA LEU A 118 -6.66 -5.62 -1.89
C LEU A 118 -6.97 -4.53 -0.85
N LEU A 119 -5.96 -3.75 -0.44
CA LEU A 119 -6.15 -2.65 0.52
C LEU A 119 -7.19 -1.64 0.02
N GLN A 120 -7.14 -1.32 -1.29
CA GLN A 120 -8.06 -0.38 -1.95
C GLN A 120 -9.41 -1.03 -2.20
N LEU A 121 -9.43 -2.34 -2.52
CA LEU A 121 -10.68 -3.07 -2.76
C LEU A 121 -11.52 -3.16 -1.48
N VAL A 122 -10.86 -3.21 -0.31
CA VAL A 122 -11.53 -3.24 1.00
C VAL A 122 -12.15 -1.85 1.25
N GLN A 123 -11.50 -0.78 0.77
CA GLN A 123 -12.02 0.59 0.86
C GLN A 123 -13.25 0.74 -0.04
N ALA A 124 -13.23 0.11 -1.23
CA ALA A 124 -14.31 0.14 -2.23
C ALA A 124 -15.64 -0.44 -1.72
N LEU A 125 -15.60 -1.28 -0.66
CA LEU A 125 -16.80 -1.86 -0.05
C LEU A 125 -17.73 -0.77 0.52
N LYS A 126 -17.16 0.41 0.87
CA LYS A 126 -17.90 1.58 1.38
C LYS A 126 -18.90 2.15 0.36
N TYR A 127 -18.69 1.85 -0.94
CA TYR A 127 -19.53 2.35 -2.03
C TYR A 127 -20.46 1.28 -2.61
N GLU A 128 -20.48 0.09 -1.99
CA GLU A 128 -21.33 -1.03 -2.38
C GLU A 128 -22.73 -0.91 -1.77
N ASN A 129 -23.67 -1.74 -2.23
CA ASN A 129 -25.04 -1.73 -1.69
C ASN A 129 -25.02 -2.45 -0.34
N PHE A 130 -25.22 -1.69 0.75
CA PHE A 130 -25.19 -2.19 2.13
C PHE A 130 -26.29 -3.20 2.45
N ASP A 131 -27.47 -3.08 1.80
CA ASP A 131 -28.59 -4.01 1.98
C ASP A 131 -28.26 -5.38 1.40
N ASP A 132 -27.63 -5.42 0.21
CA ASP A 132 -27.21 -6.65 -0.46
C ASP A 132 -26.18 -7.43 0.37
N ILE A 133 -25.25 -6.71 1.02
CA ILE A 133 -24.22 -7.29 1.89
C ILE A 133 -24.89 -7.93 3.13
N LYS A 134 -25.83 -7.19 3.76
CA LYS A 134 -26.59 -7.66 4.92
C LYS A 134 -27.47 -8.87 4.59
N ASN A 135 -28.17 -8.84 3.44
CA ASN A 135 -29.07 -9.91 3.00
C ASN A 135 -28.39 -11.25 2.68
N GLY A 136 -27.08 -11.20 2.41
CA GLY A 136 -26.28 -12.38 2.13
C GLY A 136 -26.04 -13.25 3.35
N LEU A 137 -26.28 -12.71 4.55
CA LEU A 137 -26.13 -13.41 5.83
C LEU A 137 -27.22 -14.43 6.03
N GLU A 138 -26.84 -15.67 6.40
CA GLU A 138 -27.77 -16.77 6.63
C GLU A 138 -28.11 -16.91 8.12
N PRO A 139 -29.39 -17.20 8.48
CA PRO A 139 -29.74 -17.35 9.91
C PRO A 139 -29.25 -18.67 10.51
N ILE A 157 -29.65 -6.31 16.95
CA ILE A 157 -28.73 -5.85 17.99
C ILE A 157 -28.01 -4.55 17.59
N ASN A 158 -27.51 -3.82 18.60
CA ASN A 158 -26.73 -2.59 18.41
C ASN A 158 -25.31 -3.02 17.99
N SER A 159 -24.72 -2.34 16.99
CA SER A 159 -23.38 -2.63 16.46
C SER A 159 -22.26 -2.68 17.50
N ALA A 160 -22.36 -1.86 18.58
CA ALA A 160 -21.39 -1.79 19.67
C ALA A 160 -21.29 -3.12 20.45
N GLU A 161 -22.38 -3.91 20.47
CA GLU A 161 -22.44 -5.22 21.13
C GLU A 161 -21.66 -6.30 20.35
N ILE A 162 -21.30 -6.02 19.08
CA ILE A 162 -20.53 -6.94 18.24
C ILE A 162 -19.07 -6.53 18.22
N ASP A 163 -18.23 -7.25 18.96
CA ASP A 163 -16.79 -7.01 18.96
C ASP A 163 -16.28 -7.72 17.71
N SER A 164 -15.79 -6.94 16.72
CA SER A 164 -15.30 -7.45 15.45
C SER A 164 -14.26 -8.56 15.59
N SER A 165 -13.37 -8.44 16.60
CA SER A 165 -12.33 -9.43 16.90
C SER A 165 -12.90 -10.74 17.46
N GLN A 166 -14.19 -10.73 17.84
CA GLN A 166 -14.86 -11.91 18.39
C GLN A 166 -15.70 -12.70 17.38
N ILE A 167 -15.83 -12.19 16.13
CA ILE A 167 -16.61 -12.87 15.09
C ILE A 167 -15.97 -14.21 14.71
N ILE A 168 -14.69 -14.18 14.26
CA ILE A 168 -13.97 -15.39 13.85
C ILE A 168 -13.65 -16.35 15.01
N THR A 169 -13.56 -15.83 16.25
CA THR A 169 -13.23 -16.64 17.43
C THR A 169 -14.48 -17.21 18.11
N SER A 170 -15.68 -16.83 17.62
CA SER A 170 -16.94 -17.33 18.19
C SER A 170 -17.82 -18.06 17.16
N PRO A 171 -17.35 -19.21 16.57
CA PRO A 171 -18.21 -19.92 15.60
C PRO A 171 -19.39 -20.56 16.31
N LEU A 172 -20.58 -20.47 15.69
CA LEU A 172 -21.81 -21.01 16.26
C LEU A 172 -21.82 -22.55 16.25
N PRO A 173 -22.35 -23.22 17.29
CA PRO A 173 -22.35 -24.70 17.31
C PRO A 173 -23.29 -25.36 16.28
N ASN A 192 -22.32 -13.47 -15.64
CA ASN A 192 -20.99 -12.92 -15.37
C ASN A 192 -21.03 -11.75 -14.38
N LEU A 193 -22.23 -11.15 -14.20
CA LEU A 193 -22.50 -10.00 -13.33
C LEU A 193 -23.26 -10.40 -12.05
N GLU A 194 -23.22 -11.68 -11.68
CA GLU A 194 -23.93 -12.20 -10.50
C GLU A 194 -23.31 -11.86 -9.13
N GLN A 195 -21.99 -11.57 -9.10
CA GLN A 195 -21.30 -11.28 -7.85
C GLN A 195 -21.01 -9.81 -7.62
N ASP A 196 -21.31 -9.31 -6.42
CA ASP A 196 -20.94 -7.95 -6.01
C ASP A 196 -19.52 -8.06 -5.41
N LEU A 197 -18.91 -6.94 -4.99
CA LEU A 197 -17.56 -6.94 -4.45
C LEU A 197 -17.35 -7.83 -3.22
N CYS A 198 -18.29 -7.78 -2.25
CA CYS A 198 -18.24 -8.59 -1.02
C CYS A 198 -18.21 -10.08 -1.34
N THR A 199 -19.16 -10.55 -2.19
CA THR A 199 -19.28 -11.97 -2.60
C THR A 199 -18.02 -12.42 -3.33
N PHE A 200 -17.48 -11.56 -4.21
CA PHE A 200 -16.27 -11.84 -4.98
C PHE A 200 -15.04 -11.99 -4.10
N LEU A 201 -14.78 -11.00 -3.20
CA LEU A 201 -13.62 -11.02 -2.31
C LEU A 201 -13.62 -12.24 -1.39
N ILE A 202 -14.79 -12.58 -0.81
CA ILE A 202 -14.96 -13.74 0.05
C ILE A 202 -14.69 -15.04 -0.71
N SER A 203 -15.26 -15.16 -1.93
CA SER A 203 -15.11 -16.33 -2.81
C SER A 203 -13.63 -16.61 -3.14
N ARG A 204 -12.88 -15.55 -3.49
CA ARG A 204 -11.46 -15.66 -3.79
C ARG A 204 -10.62 -15.95 -2.55
N ALA A 205 -11.00 -15.36 -1.41
CA ALA A 205 -10.33 -15.55 -0.12
C ALA A 205 -10.44 -17.00 0.35
N CYS A 206 -11.62 -17.65 0.15
CA CYS A 206 -11.86 -19.05 0.52
C CYS A 206 -10.95 -20.03 -0.22
N LYS A 207 -10.44 -19.64 -1.40
CA LYS A 207 -9.57 -20.46 -2.24
C LYS A 207 -8.08 -20.12 -2.04
N ASN A 208 -7.76 -18.99 -1.41
CA ASN A 208 -6.38 -18.54 -1.24
C ASN A 208 -6.11 -18.03 0.19
N SER A 209 -5.29 -18.77 0.96
CA SER A 209 -4.96 -18.44 2.35
C SER A 209 -4.25 -17.09 2.54
N THR A 210 -3.39 -16.68 1.57
CA THR A 210 -2.71 -15.39 1.63
C THR A 210 -3.76 -14.28 1.51
N LEU A 211 -4.65 -14.39 0.49
CA LEU A 211 -5.73 -13.45 0.23
C LEU A 211 -6.66 -13.37 1.45
N ALA A 212 -7.00 -14.54 2.04
CA ALA A 212 -7.85 -14.63 3.24
C ALA A 212 -7.26 -13.90 4.44
N ASN A 213 -5.91 -14.00 4.64
CA ASN A 213 -5.19 -13.35 5.74
C ASN A 213 -5.33 -11.83 5.66
N TYR A 214 -4.99 -11.25 4.50
CA TYR A 214 -5.06 -9.82 4.32
C TYR A 214 -6.49 -9.31 4.30
N LEU A 215 -7.44 -10.07 3.71
CA LEU A 215 -8.86 -9.69 3.72
C LEU A 215 -9.37 -9.61 5.17
N TYR A 216 -9.03 -10.63 6.00
CA TYR A 216 -9.40 -10.66 7.41
C TYR A 216 -8.91 -9.41 8.14
N TRP A 217 -7.58 -9.17 8.14
CA TRP A 217 -6.96 -8.05 8.82
C TRP A 217 -7.37 -6.67 8.33
N TYR A 218 -7.48 -6.48 7.00
CA TYR A 218 -7.93 -5.20 6.41
C TYR A 218 -9.36 -4.88 6.86
N VAL A 219 -10.25 -5.90 6.90
CA VAL A 219 -11.65 -5.71 7.34
C VAL A 219 -11.74 -5.43 8.86
N ILE A 220 -10.92 -6.13 9.68
CA ILE A 220 -10.86 -5.93 11.14
C ILE A 220 -10.52 -4.46 11.44
N VAL A 221 -9.51 -3.89 10.74
CA VAL A 221 -9.08 -2.50 10.93
C VAL A 221 -10.24 -1.55 10.57
N GLU A 222 -10.98 -1.87 9.48
CA GLU A 222 -12.13 -1.08 9.06
C GLU A 222 -13.26 -1.13 10.08
N CYS A 223 -13.45 -2.30 10.75
CA CYS A 223 -14.43 -2.47 11.82
C CYS A 223 -14.00 -1.65 13.05
N GLU A 224 -12.68 -1.63 13.34
CA GLU A 224 -12.08 -0.94 14.48
C GLU A 224 -11.92 0.57 14.33
N ASP A 225 -12.23 1.12 13.15
CA ASP A 225 -12.15 2.56 12.88
C ASP A 225 -13.24 3.30 13.66
N GLN A 226 -12.84 4.00 14.74
CA GLN A 226 -13.71 4.78 15.64
C GLN A 226 -14.36 5.96 14.93
N ASP A 227 -13.64 6.55 13.95
CA ASP A 227 -14.10 7.67 13.13
C ASP A 227 -15.29 7.19 12.28
N THR A 228 -15.18 5.97 11.70
CA THR A 228 -16.24 5.36 10.91
C THR A 228 -17.43 4.99 11.82
N GLN A 229 -17.15 4.42 13.02
CA GLN A 229 -18.16 4.04 14.02
C GLN A 229 -19.07 5.21 14.42
N GLN A 230 -18.48 6.41 14.57
CA GLN A 230 -19.19 7.62 14.99
C GLN A 230 -19.83 8.43 13.87
N ARG A 231 -19.08 8.68 12.78
CA ARG A 231 -19.55 9.48 11.64
C ARG A 231 -20.46 8.73 10.67
N ASP A 232 -20.17 7.45 10.38
CA ASP A 232 -20.97 6.65 9.45
C ASP A 232 -21.30 5.27 10.06
N PRO A 233 -22.26 5.17 11.01
CA PRO A 233 -22.57 3.87 11.62
C PRO A 233 -23.00 2.77 10.66
N LYS A 234 -23.67 3.13 9.54
CA LYS A 234 -24.10 2.20 8.50
C LYS A 234 -22.90 1.55 7.80
N THR A 235 -21.78 2.29 7.66
CA THR A 235 -20.54 1.79 7.06
C THR A 235 -19.85 0.83 8.03
N HIS A 236 -19.84 1.17 9.33
CA HIS A 236 -19.28 0.32 10.39
C HIS A 236 -20.06 -1.00 10.43
N GLU A 237 -21.40 -0.93 10.33
CA GLU A 237 -22.31 -2.07 10.32
C GLU A 237 -22.03 -2.94 9.10
N MET A 238 -21.80 -2.31 7.92
CA MET A 238 -21.46 -3.00 6.67
C MET A 238 -20.19 -3.84 6.84
N TYR A 239 -19.12 -3.26 7.41
CA TYR A 239 -17.85 -3.95 7.64
C TYR A 239 -18.00 -5.13 8.60
N LEU A 240 -18.86 -4.99 9.63
CA LEU A 240 -19.16 -6.08 10.57
C LEU A 240 -19.87 -7.19 9.78
N ASN A 241 -20.80 -6.82 8.88
CA ASN A 241 -21.52 -7.77 8.04
C ASN A 241 -20.60 -8.50 7.07
N VAL A 242 -19.58 -7.80 6.51
CA VAL A 242 -18.59 -8.41 5.62
C VAL A 242 -17.83 -9.51 6.40
N MET A 243 -17.39 -9.19 7.63
CA MET A 243 -16.69 -10.15 8.50
C MET A 243 -17.57 -11.35 8.85
N ARG A 244 -18.86 -11.08 9.20
CA ARG A 244 -19.83 -12.12 9.54
C ARG A 244 -20.09 -13.03 8.32
N ARG A 245 -20.17 -12.43 7.11
CA ARG A 245 -20.35 -13.13 5.83
C ARG A 245 -19.13 -14.02 5.53
N PHE A 246 -17.91 -13.50 5.79
CA PHE A 246 -16.64 -14.18 5.59
C PHE A 246 -16.53 -15.40 6.51
N SER A 247 -16.84 -15.22 7.81
CA SER A 247 -16.82 -16.29 8.81
C SER A 247 -17.80 -17.40 8.41
N GLN A 248 -19.02 -17.02 7.96
CA GLN A 248 -20.08 -17.94 7.51
C GLN A 248 -19.63 -18.77 6.32
N ALA A 249 -19.00 -18.13 5.30
CA ALA A 249 -18.51 -18.82 4.11
C ALA A 249 -17.40 -19.83 4.45
N LEU A 250 -16.47 -19.45 5.36
CA LEU A 250 -15.38 -20.33 5.79
C LEU A 250 -15.90 -21.58 6.49
N LEU A 251 -16.89 -21.41 7.39
CA LEU A 251 -17.51 -22.50 8.13
C LEU A 251 -18.31 -23.47 7.24
N LYS A 252 -18.74 -23.02 6.04
CA LYS A 252 -19.48 -23.80 5.05
C LYS A 252 -18.56 -24.51 4.04
N GLY A 253 -17.27 -24.16 4.05
CA GLY A 253 -16.29 -24.71 3.13
C GLY A 253 -15.82 -26.11 3.44
N ASP A 254 -14.90 -26.63 2.59
CA ASP A 254 -14.30 -27.95 2.76
C ASP A 254 -13.32 -27.97 3.94
N LYS A 255 -12.66 -29.12 4.20
CA LYS A 255 -11.72 -29.32 5.31
C LYS A 255 -10.65 -28.24 5.45
N SER A 256 -9.96 -27.87 4.35
CA SER A 256 -8.91 -26.85 4.34
C SER A 256 -9.47 -25.45 4.61
N VAL A 257 -10.67 -25.15 4.09
CA VAL A 257 -11.37 -23.87 4.27
C VAL A 257 -11.77 -23.68 5.75
N ARG A 258 -12.30 -24.74 6.39
CA ARG A 258 -12.67 -24.71 7.81
C ARG A 258 -11.44 -24.54 8.70
N VAL A 259 -10.30 -25.12 8.28
CA VAL A 259 -9.01 -24.99 8.98
C VAL A 259 -8.50 -23.53 8.89
N MET A 260 -8.75 -22.86 7.74
CA MET A 260 -8.39 -21.45 7.50
C MET A 260 -9.06 -20.55 8.55
N ARG A 261 -10.35 -20.82 8.88
CA ARG A 261 -11.13 -20.10 9.89
C ARG A 261 -10.47 -20.28 11.27
N SER A 262 -10.07 -21.51 11.63
CA SER A 262 -9.41 -21.78 12.93
C SER A 262 -8.04 -21.09 13.01
N LEU A 263 -7.31 -21.00 11.88
CA LEU A 263 -6.00 -20.32 11.83
C LEU A 263 -6.17 -18.81 11.97
N LEU A 264 -7.25 -18.23 11.41
CA LEU A 264 -7.53 -16.80 11.54
C LEU A 264 -7.88 -16.47 12.99
N ALA A 265 -8.63 -17.38 13.66
CA ALA A 265 -9.02 -17.26 15.07
C ALA A 265 -7.77 -17.33 15.95
N ALA A 266 -6.83 -18.25 15.64
CA ALA A 266 -5.57 -18.39 16.38
C ALA A 266 -4.72 -17.13 16.26
N GLN A 267 -4.71 -16.48 15.07
CA GLN A 267 -3.98 -15.24 14.83
C GLN A 267 -4.59 -14.10 15.65
N GLN A 268 -5.94 -13.97 15.61
CA GLN A 268 -6.65 -12.93 16.36
C GLN A 268 -6.36 -13.04 17.86
N THR A 269 -6.44 -14.26 18.41
CA THR A 269 -6.17 -14.58 19.81
C THR A 269 -4.71 -14.25 20.16
N PHE A 270 -3.76 -14.60 19.27
CA PHE A 270 -2.32 -14.32 19.47
C PHE A 270 -2.09 -12.81 19.57
N VAL A 271 -2.69 -12.03 18.63
CA VAL A 271 -2.60 -10.57 18.57
C VAL A 271 -3.23 -9.94 19.82
N ASP A 272 -4.43 -10.41 20.23
CA ASP A 272 -5.13 -9.94 21.44
C ASP A 272 -4.23 -10.10 22.65
N ARG A 273 -3.56 -11.25 22.77
CA ARG A 273 -2.62 -11.57 23.85
C ARG A 273 -1.40 -10.66 23.79
N LEU A 274 -0.86 -10.41 22.59
CA LEU A 274 0.29 -9.52 22.41
C LEU A 274 -0.05 -8.07 22.81
N VAL A 275 -1.28 -7.60 22.50
CA VAL A 275 -1.76 -6.26 22.86
C VAL A 275 -1.86 -6.13 24.40
N HIS A 276 -2.40 -7.17 25.07
CA HIS A 276 -2.52 -7.21 26.53
C HIS A 276 -1.11 -7.14 27.16
N LEU A 277 -0.15 -7.88 26.58
CA LEU A 277 1.25 -7.91 27.00
C LEU A 277 1.88 -6.51 26.83
N MET A 278 1.65 -5.87 25.66
CA MET A 278 2.18 -4.53 25.35
C MET A 278 1.66 -3.49 26.33
N LYS A 279 0.35 -3.55 26.68
CA LYS A 279 -0.26 -2.64 27.66
C LYS A 279 0.44 -2.75 29.02
N ALA A 280 0.74 -3.98 29.47
CA ALA A 280 1.42 -4.27 30.74
C ALA A 280 2.84 -3.71 30.76
N VAL A 281 3.58 -3.85 29.63
CA VAL A 281 4.95 -3.36 29.48
C VAL A 281 4.96 -1.83 29.47
N GLN A 282 4.00 -1.21 28.75
CA GLN A 282 3.87 0.25 28.65
C GLN A 282 3.48 0.89 29.99
N ARG A 283 2.75 0.13 30.84
CA ARG A 283 2.32 0.57 32.17
C ARG A 283 3.37 0.28 33.25
N GLU A 284 4.37 -0.58 32.95
CA GLU A 284 5.43 -0.94 33.88
C GLU A 284 6.27 0.29 34.23
N SER A 285 6.23 0.69 35.52
CA SER A 285 6.95 1.85 36.04
C SER A 285 8.46 1.59 36.03
N GLY A 286 9.22 2.62 35.66
CA GLY A 286 10.68 2.54 35.60
C GLY A 286 11.26 2.81 34.23
N ASN A 287 12.55 2.50 34.07
CA ASN A 287 13.30 2.70 32.83
C ASN A 287 13.05 1.60 31.79
N ARG A 288 13.65 1.75 30.58
CA ARG A 288 13.53 0.83 29.46
C ARG A 288 14.01 -0.58 29.83
N LYS A 289 15.09 -0.70 30.63
CA LYS A 289 15.64 -1.97 31.10
C LYS A 289 14.60 -2.73 31.93
N LYS A 290 13.91 -2.01 32.84
CA LYS A 290 12.86 -2.56 33.71
C LYS A 290 11.64 -3.01 32.89
N LYS A 291 11.32 -2.26 31.81
CA LYS A 291 10.22 -2.56 30.89
C LYS A 291 10.57 -3.80 30.05
N ASN A 292 11.85 -3.93 29.63
CA ASN A 292 12.38 -5.05 28.87
C ASN A 292 12.31 -6.34 29.70
N GLU A 293 12.60 -6.24 31.01
CA GLU A 293 12.55 -7.36 31.95
C GLU A 293 11.12 -7.88 32.07
N ARG A 294 10.13 -6.95 32.14
CA ARG A 294 8.70 -7.27 32.21
C ARG A 294 8.27 -7.93 30.90
N LEU A 295 8.71 -7.37 29.76
CA LEU A 295 8.43 -7.85 28.41
C LEU A 295 8.88 -9.29 28.22
N GLN A 296 10.13 -9.59 28.58
CA GLN A 296 10.74 -10.92 28.49
C GLN A 296 10.11 -11.93 29.46
N ALA A 297 9.77 -11.48 30.68
CA ALA A 297 9.15 -12.32 31.70
C ALA A 297 7.75 -12.79 31.27
N LEU A 298 6.92 -11.86 30.76
CA LEU A 298 5.57 -12.13 30.29
C LEU A 298 5.55 -13.03 29.05
N LEU A 299 6.48 -12.81 28.10
CA LEU A 299 6.61 -13.64 26.90
C LEU A 299 7.05 -15.06 27.29
N GLY A 300 7.90 -15.16 28.32
CA GLY A 300 8.40 -16.43 28.84
C GLY A 300 7.36 -17.24 29.61
N ASP A 301 6.29 -16.58 30.08
CA ASP A 301 5.21 -17.21 30.84
C ASP A 301 4.10 -17.67 29.87
N ASN A 302 4.34 -18.82 29.20
CA ASN A 302 3.42 -19.39 28.21
C ASN A 302 2.08 -19.85 28.77
N GLU A 303 2.04 -20.37 30.01
CA GLU A 303 0.80 -20.82 30.64
C GLU A 303 -0.17 -19.65 30.89
N LYS A 304 0.36 -18.45 31.10
CA LYS A 304 -0.42 -17.23 31.33
C LYS A 304 -0.67 -16.45 30.03
N MET A 305 0.38 -16.24 29.21
CA MET A 305 0.31 -15.43 28.00
C MET A 305 0.15 -16.13 26.65
N ASN A 306 0.63 -17.39 26.51
CA ASN A 306 0.57 -18.20 25.28
C ASN A 306 1.16 -17.48 24.05
N LEU A 307 2.43 -17.03 24.14
CA LEU A 307 3.08 -16.30 23.04
C LEU A 307 4.42 -16.90 22.56
N SER A 308 5.12 -17.66 23.41
CA SER A 308 6.42 -18.27 23.08
C SER A 308 6.33 -19.71 22.56
N ASP A 309 5.22 -20.41 22.87
CA ASP A 309 5.03 -21.80 22.46
C ASP A 309 3.61 -22.00 21.93
N VAL A 310 3.44 -21.81 20.62
CA VAL A 310 2.16 -21.95 19.94
C VAL A 310 2.26 -22.94 18.79
N GLU A 311 1.12 -23.52 18.40
CA GLU A 311 1.04 -24.42 17.25
C GLU A 311 1.21 -23.55 16.01
N LEU A 312 1.80 -24.12 14.94
CA LEU A 312 2.08 -23.47 13.67
C LEU A 312 0.92 -22.61 13.16
N ILE A 313 1.10 -21.29 13.17
CA ILE A 313 0.10 -20.33 12.70
C ILE A 313 0.71 -19.34 11.70
N PRO A 314 -0.05 -18.86 10.68
CA PRO A 314 0.53 -17.89 9.75
C PRO A 314 0.82 -16.57 10.43
N LEU A 315 1.97 -15.96 10.12
CA LEU A 315 2.33 -14.67 10.69
C LEU A 315 1.42 -13.62 10.04
N PRO A 316 0.61 -12.86 10.82
CA PRO A 316 -0.31 -11.88 10.19
C PRO A 316 0.36 -10.93 9.17
N LEU A 317 1.59 -10.49 9.48
CA LEU A 317 2.40 -9.59 8.66
C LEU A 317 2.79 -10.19 7.28
N GLU A 318 3.08 -11.49 7.24
CA GLU A 318 3.47 -12.22 6.02
C GLU A 318 2.99 -13.67 6.21
N PRO A 319 1.72 -13.97 5.81
CA PRO A 319 1.12 -15.29 6.08
C PRO A 319 1.81 -16.51 5.50
N GLN A 320 2.69 -16.33 4.51
CA GLN A 320 3.47 -17.42 3.90
C GLN A 320 4.47 -17.96 4.94
N VAL A 321 4.83 -17.10 5.91
CA VAL A 321 5.75 -17.43 7.00
C VAL A 321 4.91 -17.98 8.18
N LYS A 322 5.14 -19.25 8.55
CA LYS A 322 4.43 -19.90 9.64
C LYS A 322 5.30 -19.82 10.89
N ILE A 323 4.71 -19.38 12.01
CA ILE A 323 5.43 -19.17 13.27
C ILE A 323 5.13 -20.15 14.40
N ARG A 324 6.16 -20.41 15.23
CA ARG A 324 6.16 -21.30 16.40
C ARG A 324 5.99 -20.49 17.70
N GLY A 325 6.17 -19.17 17.61
CA GLY A 325 6.07 -18.25 18.73
C GLY A 325 7.16 -17.21 18.76
N ILE A 326 7.13 -16.33 19.78
CA ILE A 326 8.13 -15.26 19.95
C ILE A 326 9.23 -15.75 20.92
N ILE A 327 10.51 -15.45 20.60
CA ILE A 327 11.65 -15.80 21.46
C ILE A 327 11.62 -14.79 22.64
N PRO A 328 11.42 -15.26 23.90
CA PRO A 328 11.33 -14.31 25.02
C PRO A 328 12.59 -13.50 25.32
N GLU A 329 13.76 -14.17 25.39
CA GLU A 329 15.05 -13.57 25.74
C GLU A 329 15.69 -12.54 24.80
N THR A 330 15.12 -12.35 23.59
CA THR A 330 15.69 -11.38 22.63
C THR A 330 14.74 -10.21 22.34
N ALA A 331 13.59 -10.18 23.04
CA ALA A 331 12.58 -9.15 22.88
C ALA A 331 12.92 -7.92 23.72
N THR A 332 13.02 -6.75 23.07
CA THR A 332 13.33 -5.48 23.73
C THR A 332 12.52 -4.34 23.14
N LEU A 333 12.41 -3.23 23.87
CA LEU A 333 11.73 -2.04 23.38
C LEU A 333 12.76 -1.15 22.69
N PHE A 334 12.32 -0.39 21.67
CA PHE A 334 13.17 0.58 20.99
C PHE A 334 13.19 1.85 21.84
N LYS A 335 14.22 2.70 21.66
CA LYS A 335 14.35 3.99 22.36
C LYS A 335 13.39 4.97 21.71
N SER A 336 12.14 5.00 22.22
CA SER A 336 11.05 5.84 21.75
C SER A 336 9.96 5.91 22.82
N ALA A 337 9.32 7.08 22.96
CA ALA A 337 8.23 7.32 23.92
C ALA A 337 7.00 6.45 23.59
N LEU A 338 6.84 6.09 22.30
CA LEU A 338 5.77 5.24 21.77
C LEU A 338 5.88 3.80 22.30
N MET A 339 7.09 3.43 22.78
CA MET A 339 7.46 2.12 23.32
C MET A 339 7.21 0.95 22.34
N PRO A 340 7.73 1.01 21.09
CA PRO A 340 7.54 -0.13 20.18
C PRO A 340 8.48 -1.27 20.56
N ALA A 341 8.04 -2.51 20.36
CA ALA A 341 8.86 -3.66 20.72
C ALA A 341 9.46 -4.35 19.51
N GLN A 342 10.71 -4.80 19.62
CA GLN A 342 11.36 -5.61 18.59
C GLN A 342 11.13 -7.04 19.06
N LEU A 343 10.47 -7.84 18.23
CA LEU A 343 10.14 -9.23 18.58
C LEU A 343 10.65 -10.18 17.51
N PHE A 344 11.35 -11.25 17.95
CA PHE A 344 11.87 -12.27 17.05
C PHE A 344 10.96 -13.49 17.06
N PHE A 345 10.34 -13.74 15.90
CA PHE A 345 9.45 -14.88 15.72
C PHE A 345 10.23 -16.10 15.27
N LYS A 346 9.95 -17.26 15.87
CA LYS A 346 10.54 -18.54 15.49
C LYS A 346 9.72 -19.05 14.32
N THR A 347 10.36 -19.30 13.17
CA THR A 347 9.64 -19.77 11.98
C THR A 347 9.61 -21.30 11.94
N GLU A 348 8.70 -21.88 11.13
CA GLU A 348 8.58 -23.33 10.99
C GLU A 348 9.88 -24.00 10.49
N ASP A 349 10.62 -23.32 9.61
CA ASP A 349 11.88 -23.83 9.05
C ASP A 349 13.15 -23.44 9.83
N GLY A 350 13.00 -23.18 11.13
CA GLY A 350 14.08 -22.85 12.04
C GLY A 350 14.70 -21.47 11.94
N GLY A 351 14.09 -20.61 11.14
CA GLY A 351 14.57 -19.24 10.97
C GLY A 351 14.02 -18.30 12.02
N LYS A 352 14.46 -17.03 11.95
CA LYS A 352 14.04 -15.98 12.85
C LYS A 352 13.49 -14.83 12.02
N TYR A 353 12.28 -14.38 12.34
CA TYR A 353 11.64 -13.29 11.62
C TYR A 353 11.45 -12.10 12.57
N PRO A 354 12.39 -11.12 12.58
CA PRO A 354 12.21 -9.96 13.49
C PRO A 354 11.12 -9.01 13.00
N VAL A 355 10.34 -8.49 13.95
CA VAL A 355 9.27 -7.54 13.66
C VAL A 355 9.35 -6.40 14.66
N ILE A 356 8.65 -5.32 14.32
CA ILE A 356 8.43 -4.21 15.21
C ILE A 356 6.93 -4.27 15.47
N PHE A 357 6.54 -4.34 16.74
CA PHE A 357 5.12 -4.32 17.07
C PHE A 357 4.84 -3.05 17.84
N LYS A 358 3.92 -2.24 17.31
CA LYS A 358 3.55 -0.96 17.91
C LYS A 358 2.18 -1.03 18.52
N HIS A 359 2.03 -0.46 19.73
CA HIS A 359 0.75 -0.35 20.41
C HIS A 359 0.55 1.12 20.80
N GLY A 360 -0.57 1.68 20.36
CA GLY A 360 -0.91 3.08 20.61
C GLY A 360 -0.54 4.00 19.47
N ASP A 361 -0.41 3.44 18.25
CA ASP A 361 -0.07 4.19 17.05
C ASP A 361 -0.86 3.67 15.84
N ASP A 362 -1.25 4.59 14.93
CA ASP A 362 -1.99 4.24 13.71
C ASP A 362 -1.00 4.00 12.56
N LEU A 363 -0.85 2.72 12.16
CA LEU A 363 0.08 2.28 11.13
C LEU A 363 -0.48 2.38 9.70
N ARG A 364 -1.73 2.83 9.52
CA ARG A 364 -2.39 2.89 8.22
C ARG A 364 -1.71 3.72 7.14
N GLN A 365 -1.14 4.89 7.51
CA GLN A 365 -0.45 5.74 6.52
C GLN A 365 0.82 5.04 6.03
N ASP A 366 1.60 4.42 6.96
CA ASP A 366 2.79 3.66 6.62
C ASP A 366 2.41 2.43 5.81
N GLN A 367 1.28 1.77 6.16
CA GLN A 367 0.79 0.58 5.47
C GLN A 367 0.49 0.88 4.00
N LEU A 368 -0.20 2.00 3.72
CA LEU A 368 -0.51 2.41 2.36
C LEU A 368 0.76 2.72 1.57
N ILE A 369 1.69 3.49 2.16
CA ILE A 369 2.95 3.85 1.48
C ILE A 369 3.76 2.61 1.13
N LEU A 370 3.91 1.65 2.08
CA LEU A 370 4.65 0.42 1.82
C LEU A 370 3.97 -0.49 0.81
N GLN A 371 2.62 -0.46 0.73
CA GLN A 371 1.94 -1.26 -0.28
C GLN A 371 2.06 -0.62 -1.67
N ILE A 372 2.17 0.73 -1.72
CA ILE A 372 2.39 1.47 -2.98
C ILE A 372 3.86 1.24 -3.41
N ILE A 373 4.83 1.25 -2.46
CA ILE A 373 6.24 0.98 -2.75
C ILE A 373 6.37 -0.47 -3.29
N SER A 374 5.64 -1.42 -2.66
CA SER A 374 5.61 -2.83 -3.10
C SER A 374 5.11 -2.93 -4.54
N LEU A 375 4.00 -2.21 -4.85
CA LEU A 375 3.43 -2.17 -6.20
C LEU A 375 4.43 -1.55 -7.20
N MET A 376 5.03 -0.39 -6.84
CA MET A 376 6.02 0.30 -7.68
C MET A 376 7.23 -0.59 -7.98
N ASP A 377 7.69 -1.35 -6.97
CA ASP A 377 8.80 -2.29 -7.14
C ASP A 377 8.44 -3.41 -8.13
N LYS A 378 7.21 -3.98 -7.99
CA LYS A 378 6.69 -5.03 -8.89
C LYS A 378 6.54 -4.52 -10.33
N LEU A 379 6.11 -3.25 -10.51
CA LEU A 379 5.95 -2.63 -11.82
C LEU A 379 7.31 -2.37 -12.48
N LEU A 380 8.31 -1.95 -11.68
CA LEU A 380 9.68 -1.73 -12.17
C LEU A 380 10.30 -3.08 -12.58
N ARG A 381 10.05 -4.14 -11.78
CA ARG A 381 10.53 -5.51 -12.05
C ARG A 381 9.86 -6.09 -13.30
N LYS A 382 8.59 -5.69 -13.56
CA LYS A 382 7.81 -6.09 -14.74
C LYS A 382 8.48 -5.52 -16.00
N GLU A 383 9.05 -4.30 -15.88
CA GLU A 383 9.79 -3.60 -16.94
C GLU A 383 11.28 -3.98 -16.92
N ASN A 384 11.62 -5.09 -16.22
CA ASN A 384 12.96 -5.66 -16.06
C ASN A 384 13.99 -4.71 -15.42
N LEU A 385 13.55 -3.95 -14.40
CA LEU A 385 14.41 -3.03 -13.66
C LEU A 385 14.29 -3.30 -12.17
N ASP A 386 15.31 -3.94 -11.59
CA ASP A 386 15.36 -4.25 -10.17
C ASP A 386 16.25 -3.21 -9.49
N LEU A 387 15.63 -2.18 -8.90
CA LEU A 387 16.36 -1.11 -8.23
C LEU A 387 16.71 -1.40 -6.77
N LYS A 388 16.73 -2.68 -6.37
CA LYS A 388 17.09 -3.16 -5.03
C LYS A 388 16.39 -2.39 -3.91
N LEU A 389 15.06 -2.22 -4.05
CA LEU A 389 14.23 -1.52 -3.09
C LEU A 389 13.93 -2.41 -1.89
N THR A 390 13.47 -1.80 -0.78
CA THR A 390 13.14 -2.52 0.44
C THR A 390 11.65 -2.28 0.78
N PRO A 391 10.71 -2.97 0.08
CA PRO A 391 9.29 -2.79 0.42
C PRO A 391 8.94 -3.70 1.60
N TYR A 392 9.46 -3.34 2.80
CA TYR A 392 9.21 -4.12 4.02
C TYR A 392 7.73 -4.19 4.32
N LYS A 393 7.27 -5.31 4.88
CA LYS A 393 5.86 -5.50 5.18
C LYS A 393 5.38 -4.65 6.34
N VAL A 394 4.14 -4.13 6.21
CA VAL A 394 3.46 -3.34 7.25
C VAL A 394 2.03 -3.86 7.32
N LEU A 395 1.57 -4.24 8.52
CA LEU A 395 0.20 -4.70 8.70
C LEU A 395 -0.41 -4.17 9.99
N ALA A 396 -1.44 -3.32 9.84
CA ALA A 396 -2.19 -2.79 10.98
C ALA A 396 -3.12 -3.92 11.44
N THR A 397 -3.12 -4.20 12.75
CA THR A 397 -3.98 -5.23 13.35
C THR A 397 -5.19 -4.59 14.02
N SER A 398 -5.21 -3.25 14.01
CA SER A 398 -6.24 -2.33 14.50
C SER A 398 -5.82 -0.94 14.03
N THR A 399 -6.63 0.08 14.34
CA THR A 399 -6.26 1.46 14.03
C THR A 399 -5.28 1.95 15.12
N LYS A 400 -5.07 1.14 16.17
CA LYS A 400 -4.23 1.44 17.33
C LYS A 400 -2.98 0.56 17.44
N HIS A 401 -2.90 -0.55 16.70
CA HIS A 401 -1.75 -1.44 16.77
C HIS A 401 -1.45 -2.17 15.47
N GLY A 402 -0.23 -2.65 15.32
CA GLY A 402 0.20 -3.34 14.11
C GLY A 402 1.65 -3.75 14.06
N PHE A 403 2.00 -4.50 13.01
CA PHE A 403 3.34 -5.05 12.77
C PHE A 403 4.05 -4.36 11.63
N MET A 404 5.38 -4.39 11.70
CA MET A 404 6.29 -3.90 10.67
C MET A 404 7.43 -4.91 10.58
N GLN A 405 7.79 -5.31 9.35
CA GLN A 405 8.90 -6.25 9.13
C GLN A 405 10.21 -5.53 9.42
N PHE A 406 11.03 -6.12 10.32
CA PHE A 406 12.31 -5.53 10.67
C PHE A 406 13.39 -6.01 9.71
N ILE A 407 13.97 -5.08 8.97
CA ILE A 407 15.07 -5.35 8.03
C ILE A 407 16.35 -4.98 8.79
N GLN A 408 17.29 -5.93 8.90
CA GLN A 408 18.56 -5.68 9.59
C GLN A 408 19.31 -4.61 8.80
N SER A 409 19.38 -3.42 9.41
CA SER A 409 19.96 -2.23 8.79
C SER A 409 20.41 -1.22 9.85
N VAL A 410 21.13 -0.18 9.43
CA VAL A 410 21.64 0.87 10.30
C VAL A 410 21.16 2.24 9.77
N PRO A 411 20.54 3.10 10.63
CA PRO A 411 20.15 4.45 10.16
C PRO A 411 21.40 5.24 9.77
N VAL A 412 21.30 6.05 8.70
CA VAL A 412 22.41 6.86 8.17
C VAL A 412 23.08 7.77 9.21
N ALA A 413 22.28 8.33 10.15
CA ALA A 413 22.79 9.16 11.25
C ALA A 413 23.80 8.38 12.12
N GLU A 414 23.50 7.09 12.40
CA GLU A 414 24.35 6.19 13.17
C GLU A 414 25.59 5.79 12.36
N VAL A 415 25.43 5.62 11.03
CA VAL A 415 26.51 5.28 10.09
C VAL A 415 27.61 6.37 10.14
N LEU A 416 27.20 7.66 10.13
CA LEU A 416 28.12 8.80 10.19
C LEU A 416 28.78 8.94 11.57
N ASP A 417 28.01 8.71 12.65
CA ASP A 417 28.51 8.80 14.03
C ASP A 417 29.54 7.72 14.36
N THR A 418 29.40 6.52 13.75
CA THR A 418 30.29 5.38 14.00
C THR A 418 31.42 5.23 12.98
N GLU A 419 31.12 5.41 11.68
CA GLU A 419 32.11 5.24 10.61
C GLU A 419 32.61 6.51 9.92
N GLY A 420 31.87 7.61 10.06
CA GLY A 420 32.23 8.89 9.46
C GLY A 420 31.52 9.20 8.15
N SER A 421 31.38 8.17 7.29
CA SER A 421 30.72 8.27 5.98
C SER A 421 30.12 6.93 5.52
N ILE A 422 29.27 6.98 4.47
CA ILE A 422 28.64 5.80 3.86
C ILE A 422 29.71 4.92 3.19
N GLN A 423 30.69 5.56 2.51
CA GLN A 423 31.80 4.85 1.86
C GLN A 423 32.69 4.10 2.86
N ASN A 424 32.93 4.71 4.04
CA ASN A 424 33.72 4.10 5.13
C ASN A 424 32.99 2.88 5.70
N PHE A 425 31.65 2.97 5.84
CA PHE A 425 30.79 1.89 6.31
C PHE A 425 30.86 0.73 5.30
N PHE A 426 30.82 1.06 4.00
CA PHE A 426 30.91 0.09 2.92
C PHE A 426 32.29 -0.55 2.81
N ARG A 427 33.37 0.21 3.05
CA ARG A 427 34.74 -0.31 3.01
C ARG A 427 35.00 -1.26 4.18
N LYS A 428 34.36 -1.01 5.34
CA LYS A 428 34.50 -1.85 6.53
C LYS A 428 33.78 -3.20 6.36
N TYR A 429 32.51 -3.19 5.91
CA TYR A 429 31.70 -4.40 5.77
C TYR A 429 31.72 -5.11 4.42
N ALA A 430 32.09 -4.40 3.33
CA ALA A 430 32.17 -4.99 2.00
C ALA A 430 33.39 -4.47 1.22
N PRO A 431 34.64 -4.81 1.66
CA PRO A 431 35.82 -4.32 0.92
C PRO A 431 36.14 -5.11 -0.34
N SER A 432 36.76 -4.44 -1.32
CA SER A 432 37.20 -5.01 -2.60
C SER A 432 38.29 -4.11 -3.20
N GLU A 433 39.50 -4.68 -3.42
CA GLU A 433 40.64 -3.95 -4.00
C GLU A 433 40.38 -3.47 -5.42
N ASN A 434 39.70 -4.30 -6.25
CA ASN A 434 39.37 -3.97 -7.63
C ASN A 434 38.09 -3.13 -7.80
N GLY A 435 37.24 -3.11 -6.77
CA GLY A 435 35.97 -2.39 -6.76
C GLY A 435 36.07 -0.88 -6.65
N PRO A 436 34.98 -0.14 -7.00
CA PRO A 436 35.03 1.34 -6.90
C PRO A 436 35.19 1.87 -5.48
N ASN A 437 36.20 2.74 -5.28
CA ASN A 437 36.58 3.36 -3.99
C ASN A 437 36.88 2.34 -2.86
N GLY A 438 37.35 1.15 -3.25
CA GLY A 438 37.68 0.07 -2.32
C GLY A 438 36.46 -0.66 -1.77
N ILE A 439 35.31 -0.55 -2.46
CA ILE A 439 34.03 -1.16 -2.09
C ILE A 439 33.63 -2.21 -3.13
N SER A 440 32.96 -3.29 -2.68
CA SER A 440 32.43 -4.36 -3.55
C SER A 440 31.57 -3.72 -4.66
N ALA A 441 31.82 -4.12 -5.92
CA ALA A 441 31.10 -3.62 -7.10
C ALA A 441 29.59 -3.84 -6.97
N GLU A 442 29.19 -5.04 -6.49
CA GLU A 442 27.80 -5.47 -6.27
C GLU A 442 27.12 -4.57 -5.24
N VAL A 443 27.81 -4.28 -4.12
CA VAL A 443 27.33 -3.43 -3.03
C VAL A 443 27.14 -1.98 -3.53
N MET A 444 28.10 -1.47 -4.32
CA MET A 444 28.04 -0.13 -4.89
C MET A 444 26.88 -0.01 -5.90
N ASP A 445 26.69 -1.04 -6.75
CA ASP A 445 25.62 -1.10 -7.75
C ASP A 445 24.24 -1.10 -7.07
N THR A 446 24.11 -1.86 -5.95
CA THR A 446 22.90 -1.95 -5.14
C THR A 446 22.59 -0.56 -4.54
N TYR A 447 23.63 0.13 -4.03
CA TYR A 447 23.52 1.46 -3.44
C TYR A 447 23.02 2.51 -4.44
N VAL A 448 23.65 2.58 -5.63
CA VAL A 448 23.30 3.51 -6.71
C VAL A 448 21.84 3.28 -7.15
N LYS A 449 21.47 1.99 -7.37
CA LYS A 449 20.12 1.59 -7.78
C LYS A 449 19.05 1.96 -6.76
N SER A 450 19.28 1.64 -5.47
CA SER A 450 18.34 1.94 -4.38
C SER A 450 18.22 3.45 -4.12
N CYS A 451 19.34 4.19 -4.26
CA CYS A 451 19.35 5.66 -4.14
C CYS A 451 18.44 6.25 -5.18
N ALA A 452 18.60 5.84 -6.45
CA ALA A 452 17.78 6.29 -7.59
C ALA A 452 16.31 5.90 -7.44
N GLY A 453 16.04 4.65 -7.07
CA GLY A 453 14.69 4.14 -6.85
C GLY A 453 13.93 4.98 -5.85
N TYR A 454 14.52 5.18 -4.65
CA TYR A 454 13.93 5.98 -3.57
C TYR A 454 13.83 7.46 -3.86
N CYS A 455 14.78 8.00 -4.65
N CYS A 455 14.78 8.03 -4.64
CA CYS A 455 14.84 9.40 -5.09
CA CYS A 455 14.76 9.44 -5.02
C CYS A 455 13.59 9.72 -5.91
C CYS A 455 13.53 9.72 -5.89
N VAL A 456 13.22 8.82 -6.83
CA VAL A 456 12.06 8.94 -7.72
C VAL A 456 10.75 8.66 -6.95
N ILE A 457 10.72 7.58 -6.14
CA ILE A 457 9.54 7.17 -5.35
C ILE A 457 9.12 8.22 -4.31
N THR A 458 10.08 8.69 -3.47
CA THR A 458 9.78 9.70 -2.44
C THR A 458 9.36 11.04 -3.04
N TYR A 459 9.84 11.36 -4.26
CA TYR A 459 9.46 12.57 -4.99
C TYR A 459 7.99 12.46 -5.43
N ILE A 460 7.61 11.33 -6.06
CA ILE A 460 6.24 11.06 -6.54
C ILE A 460 5.22 11.07 -5.38
N LEU A 461 5.57 10.41 -4.27
CA LEU A 461 4.71 10.31 -3.09
C LEU A 461 4.76 11.53 -2.15
N GLY A 462 5.61 12.50 -2.49
CA GLY A 462 5.80 13.74 -1.72
C GLY A 462 6.14 13.50 -0.27
N VAL A 463 7.05 12.55 -0.01
CA VAL A 463 7.46 12.15 1.34
C VAL A 463 8.28 13.26 2.00
N GLY A 464 7.79 13.73 3.14
CA GLY A 464 8.44 14.78 3.92
C GLY A 464 9.12 14.23 5.15
N ASP A 465 9.62 15.14 6.02
CA ASP A 465 10.32 14.83 7.28
C ASP A 465 11.51 13.89 7.03
N ARG A 466 12.27 14.18 5.97
CA ARG A 466 13.40 13.36 5.57
C ARG A 466 14.70 13.77 6.24
N HIS A 467 15.07 13.02 7.28
CA HIS A 467 16.31 13.23 8.04
C HIS A 467 17.14 11.95 8.05
N LEU A 468 18.34 12.00 8.63
CA LEU A 468 19.26 10.86 8.64
C LEU A 468 18.87 9.67 9.54
N ASP A 469 17.86 9.84 10.41
CA ASP A 469 17.34 8.77 11.27
C ASP A 469 16.26 7.94 10.57
N ASN A 470 15.62 8.49 9.53
CA ASN A 470 14.60 7.75 8.77
C ASN A 470 15.06 7.29 7.37
N LEU A 471 16.39 7.36 7.16
CA LEU A 471 17.10 6.89 5.97
C LEU A 471 17.99 5.78 6.51
N LEU A 472 17.73 4.52 6.09
CA LEU A 472 18.44 3.35 6.61
C LEU A 472 19.30 2.67 5.55
N LEU A 473 20.40 2.03 6.00
CA LEU A 473 21.35 1.37 5.12
C LEU A 473 21.70 -0.05 5.56
N THR A 474 21.79 -0.98 4.59
CA THR A 474 22.18 -2.37 4.85
C THR A 474 23.64 -2.57 4.44
N LYS A 475 24.28 -3.61 4.99
CA LYS A 475 25.66 -3.97 4.68
C LYS A 475 25.80 -4.51 3.24
N THR A 476 24.67 -4.84 2.60
CA THR A 476 24.60 -5.30 1.21
C THR A 476 24.51 -4.11 0.23
N GLY A 477 24.41 -2.90 0.77
CA GLY A 477 24.36 -1.67 0.00
C GLY A 477 22.99 -1.06 -0.18
N LYS A 478 21.91 -1.71 0.31
CA LYS A 478 20.54 -1.21 0.16
C LYS A 478 20.27 0.03 1.00
N LEU A 479 19.89 1.13 0.33
CA LEU A 479 19.47 2.36 1.00
C LEU A 479 17.95 2.42 0.90
N PHE A 480 17.26 2.69 2.01
CA PHE A 480 15.80 2.74 2.03
C PHE A 480 15.22 3.74 3.01
N HIS A 481 13.96 4.14 2.79
CA HIS A 481 13.24 5.08 3.63
C HIS A 481 12.26 4.36 4.56
N ILE A 482 12.02 4.95 5.73
CA ILE A 482 11.08 4.47 6.76
C ILE A 482 10.32 5.67 7.34
N ASP A 483 9.36 5.40 8.24
CA ASP A 483 8.57 6.39 8.99
C ASP A 483 7.88 7.41 8.07
N PHE A 484 6.76 7.00 7.48
CA PHE A 484 6.02 7.83 6.54
C PHE A 484 4.90 8.67 7.18
N GLY A 485 5.29 9.42 8.22
CA GLY A 485 4.39 10.31 8.96
C GLY A 485 3.99 11.56 8.19
N TYR A 486 4.79 11.94 7.17
CA TYR A 486 4.55 13.11 6.33
C TYR A 486 4.64 12.73 4.85
N ILE A 487 3.50 12.78 4.15
CA ILE A 487 3.39 12.41 2.73
C ILE A 487 2.58 13.45 1.95
N LEU A 488 2.61 13.34 0.61
CA LEU A 488 1.86 14.18 -0.34
C LEU A 488 2.12 15.70 -0.21
N GLY A 489 3.37 16.05 0.09
CA GLY A 489 3.79 17.45 0.20
C GLY A 489 3.82 18.04 1.60
N ARG A 490 3.31 17.30 2.60
CA ARG A 490 3.30 17.73 4.00
C ARG A 490 4.71 17.59 4.60
N ASP A 491 5.10 18.54 5.46
CA ASP A 491 6.41 18.58 6.11
C ASP A 491 6.36 19.41 7.41
N PRO A 492 7.10 19.03 8.48
CA PRO A 492 7.08 19.87 9.71
C PRO A 492 7.75 21.23 9.51
N LYS A 493 8.78 21.29 8.66
CA LYS A 493 9.53 22.49 8.31
C LYS A 493 8.86 23.20 7.13
N PRO A 494 8.89 24.56 7.03
CA PRO A 494 8.26 25.21 5.89
C PRO A 494 9.10 25.10 4.61
N LEU A 495 8.43 25.25 3.44
CA LEU A 495 9.02 25.17 2.10
C LEU A 495 9.89 23.91 1.85
N PRO A 496 9.31 22.68 1.85
CA PRO A 496 10.14 21.49 1.61
C PRO A 496 10.56 21.35 0.14
N PRO A 497 11.79 20.87 -0.15
CA PRO A 497 12.19 20.69 -1.55
C PRO A 497 11.47 19.49 -2.19
N PRO A 498 11.12 19.54 -3.50
CA PRO A 498 10.42 18.38 -4.10
C PRO A 498 11.27 17.13 -4.22
N MET A 499 12.61 17.31 -4.37
CA MET A 499 13.58 16.22 -4.48
C MET A 499 14.28 16.02 -3.14
N LYS A 500 14.21 14.78 -2.62
CA LYS A 500 14.79 14.42 -1.32
C LYS A 500 16.17 13.77 -1.40
N LEU A 501 17.18 14.58 -1.72
CA LEU A 501 18.58 14.19 -1.84
C LEU A 501 19.40 14.92 -0.78
N ASN A 502 20.48 14.29 -0.30
CA ASN A 502 21.39 14.91 0.67
C ASN A 502 22.86 14.67 0.33
N LYS A 503 23.77 15.46 0.93
CA LYS A 503 25.21 15.40 0.72
C LYS A 503 25.81 14.02 0.99
N GLU A 504 25.32 13.35 2.04
CA GLU A 504 25.75 12.01 2.45
C GLU A 504 25.48 10.96 1.39
N MET A 505 24.31 11.06 0.69
CA MET A 505 23.91 10.17 -0.40
C MET A 505 24.86 10.30 -1.59
N VAL A 506 25.16 11.56 -1.99
CA VAL A 506 26.05 11.91 -3.10
C VAL A 506 27.48 11.46 -2.80
N GLU A 507 27.95 11.67 -1.55
CA GLU A 507 29.29 11.27 -1.10
C GLU A 507 29.46 9.75 -1.10
N GLY A 508 28.38 9.03 -0.74
CA GLY A 508 28.35 7.57 -0.74
C GLY A 508 28.57 6.98 -2.12
N MET A 509 28.12 7.71 -3.15
CA MET A 509 28.26 7.34 -4.57
C MET A 509 29.68 7.59 -5.08
N GLY A 510 30.39 8.53 -4.47
CA GLY A 510 31.74 8.91 -4.84
C GLY A 510 31.85 10.29 -5.46
N GLY A 511 30.82 11.11 -5.26
CA GLY A 511 30.76 12.47 -5.78
C GLY A 511 30.05 12.60 -7.12
N THR A 512 29.85 13.85 -7.56
CA THR A 512 29.17 14.22 -8.81
C THR A 512 29.94 13.86 -10.10
N GLN A 513 31.26 13.63 -10.01
CA GLN A 513 32.07 13.31 -11.19
C GLN A 513 32.33 11.80 -11.38
N SER A 514 31.83 10.97 -10.45
CA SER A 514 32.00 9.50 -10.49
C SER A 514 31.14 8.86 -11.58
N GLU A 515 31.50 7.61 -11.97
CA GLU A 515 30.75 6.81 -12.94
C GLU A 515 29.41 6.41 -12.30
N GLN A 516 29.42 6.25 -10.97
CA GLN A 516 28.26 5.89 -10.13
C GLN A 516 27.19 6.97 -10.18
N TYR A 517 27.61 8.25 -10.15
CA TYR A 517 26.69 9.39 -10.22
C TYR A 517 25.97 9.43 -11.56
N GLN A 518 26.67 9.11 -12.68
CA GLN A 518 26.08 9.05 -14.02
C GLN A 518 25.04 7.92 -14.08
N GLU A 519 25.36 6.76 -13.45
CA GLU A 519 24.46 5.61 -13.35
C GLU A 519 23.21 5.97 -12.55
N PHE A 520 23.37 6.74 -11.45
CA PHE A 520 22.27 7.19 -10.60
C PHE A 520 21.27 8.04 -11.39
N ARG A 521 21.78 9.02 -12.18
CA ARG A 521 20.98 9.92 -13.01
C ARG A 521 20.18 9.11 -14.04
N LYS A 522 20.86 8.13 -14.68
CA LYS A 522 20.28 7.22 -15.68
C LYS A 522 19.13 6.42 -15.05
N GLN A 523 19.38 5.81 -13.87
CA GLN A 523 18.39 5.01 -13.16
C GLN A 523 17.20 5.85 -12.69
N CYS A 524 17.44 7.14 -12.35
CA CYS A 524 16.39 8.07 -11.94
C CYS A 524 15.40 8.32 -13.07
N TYR A 525 15.89 8.75 -14.26
CA TYR A 525 14.98 9.01 -15.38
C TYR A 525 14.31 7.76 -15.93
N THR A 526 15.00 6.60 -15.90
CA THR A 526 14.47 5.32 -16.36
C THR A 526 13.31 4.86 -15.46
N ALA A 527 13.49 4.93 -14.12
CA ALA A 527 12.46 4.56 -13.15
C ALA A 527 11.25 5.48 -13.29
N PHE A 528 11.50 6.78 -13.51
CA PHE A 528 10.47 7.80 -13.70
C PHE A 528 9.59 7.49 -14.92
N LEU A 529 10.22 7.13 -16.07
CA LEU A 529 9.50 6.78 -17.30
C LEU A 529 8.68 5.51 -17.14
N HIS A 530 9.22 4.49 -16.43
CA HIS A 530 8.52 3.23 -16.18
C HIS A 530 7.28 3.45 -15.32
N LEU A 531 7.39 4.25 -14.23
CA LEU A 531 6.27 4.53 -13.33
C LEU A 531 5.19 5.38 -13.97
N ARG A 532 5.59 6.33 -14.86
CA ARG A 532 4.67 7.19 -15.62
C ARG A 532 3.76 6.33 -16.49
N ARG A 533 4.28 5.20 -17.04
CA ARG A 533 3.53 4.28 -17.87
C ARG A 533 2.40 3.58 -17.09
N TYR A 534 2.56 3.47 -15.77
CA TYR A 534 1.56 2.89 -14.88
C TYR A 534 0.86 3.95 -14.01
N SER A 535 0.86 5.22 -14.48
CA SER A 535 0.22 6.33 -13.76
C SER A 535 -1.28 6.10 -13.58
N ASN A 536 -1.99 5.56 -14.61
CA ASN A 536 -3.43 5.27 -14.53
C ASN A 536 -3.74 4.36 -13.34
N LEU A 537 -2.94 3.28 -13.15
CA LEU A 537 -3.07 2.32 -12.07
C LEU A 537 -2.84 2.96 -10.69
N ILE A 538 -1.68 3.63 -10.54
CA ILE A 538 -1.25 4.29 -9.30
C ILE A 538 -2.29 5.32 -8.84
N LEU A 539 -2.78 6.16 -9.79
CA LEU A 539 -3.78 7.18 -9.51
C LEU A 539 -5.15 6.61 -9.15
N ASN A 540 -5.57 5.52 -9.83
CA ASN A 540 -6.84 4.85 -9.54
C ASN A 540 -6.84 4.23 -8.15
N LEU A 541 -5.66 3.77 -7.68
CA LEU A 541 -5.53 3.21 -6.34
C LEU A 541 -5.57 4.33 -5.29
N PHE A 542 -4.98 5.51 -5.58
CA PHE A 542 -5.05 6.65 -4.66
C PHE A 542 -6.47 7.20 -4.56
N SER A 543 -7.22 7.14 -5.67
CA SER A 543 -8.63 7.56 -5.76
C SER A 543 -9.52 6.70 -4.85
N LEU A 544 -9.14 5.43 -4.65
CA LEU A 544 -9.86 4.49 -3.78
C LEU A 544 -9.51 4.69 -2.30
N MET A 545 -8.55 5.59 -1.99
CA MET A 545 -8.10 5.86 -0.62
C MET A 545 -8.63 7.19 -0.04
N VAL A 546 -9.40 7.95 -0.84
CA VAL A 546 -9.94 9.28 -0.45
C VAL A 546 -10.77 9.33 0.86
N ASP A 547 -11.43 8.22 1.23
CA ASP A 547 -12.26 8.10 2.43
C ASP A 547 -11.66 7.13 3.47
N ALA A 548 -10.37 6.75 3.29
CA ALA A 548 -9.67 5.78 4.14
C ALA A 548 -9.19 6.21 5.53
N ASN A 549 -9.39 7.50 5.89
CA ASN A 549 -8.95 8.07 7.17
C ASN A 549 -7.43 8.04 7.38
N ILE A 550 -6.68 8.19 6.27
CA ILE A 550 -5.22 8.30 6.24
C ILE A 550 -4.99 9.79 6.55
N PRO A 551 -4.26 10.16 7.63
CA PRO A 551 -4.13 11.58 8.01
C PRO A 551 -3.81 12.58 6.89
N ASP A 552 -2.80 12.28 6.07
CA ASP A 552 -2.38 13.18 4.99
C ASP A 552 -3.30 13.20 3.77
N ILE A 553 -4.22 12.22 3.67
CA ILE A 553 -5.23 12.17 2.61
C ILE A 553 -6.47 12.92 3.13
N ALA A 554 -6.91 12.60 4.37
CA ALA A 554 -8.07 13.20 5.04
C ALA A 554 -7.98 14.73 5.14
N LEU A 555 -6.74 15.27 5.21
CA LEU A 555 -6.44 16.70 5.28
C LEU A 555 -7.01 17.45 4.05
N GLU A 556 -6.87 16.86 2.84
CA GLU A 556 -7.35 17.40 1.55
C GLU A 556 -7.76 16.21 0.64
N PRO A 557 -8.92 15.55 0.86
CA PRO A 557 -9.28 14.37 0.03
C PRO A 557 -9.49 14.63 -1.45
N ASP A 558 -10.09 15.79 -1.80
CA ASP A 558 -10.38 16.16 -3.19
C ASP A 558 -9.15 16.60 -4.00
N LYS A 559 -8.00 16.83 -3.33
CA LYS A 559 -6.75 17.25 -3.97
C LYS A 559 -5.68 16.16 -3.99
N THR A 560 -5.93 15.03 -3.30
CA THR A 560 -5.01 13.89 -3.16
C THR A 560 -4.50 13.32 -4.48
N VAL A 561 -5.42 12.91 -5.38
CA VAL A 561 -5.09 12.34 -6.70
C VAL A 561 -4.27 13.32 -7.55
N LYS A 562 -4.69 14.60 -7.58
CA LYS A 562 -4.00 15.67 -8.33
C LYS A 562 -2.53 15.85 -7.88
N LYS A 563 -2.29 15.81 -6.55
CA LYS A 563 -0.95 15.92 -5.94
C LYS A 563 0.02 14.86 -6.50
N VAL A 564 -0.47 13.61 -6.64
CA VAL A 564 0.32 12.50 -7.20
C VAL A 564 0.43 12.67 -8.72
N GLN A 565 -0.70 12.97 -9.40
CA GLN A 565 -0.76 13.17 -10.86
C GLN A 565 0.24 14.22 -11.34
N ASP A 566 0.35 15.36 -10.61
CA ASP A 566 1.26 16.47 -10.94
C ASP A 566 2.73 16.04 -10.98
N LYS A 567 3.13 15.12 -10.07
CA LYS A 567 4.49 14.59 -9.98
C LYS A 567 4.89 13.77 -11.21
N PHE A 568 3.93 13.11 -11.86
CA PHE A 568 4.18 12.30 -13.07
C PHE A 568 4.45 13.16 -14.30
N ARG A 569 4.05 14.44 -14.26
CA ARG A 569 4.19 15.41 -15.36
C ARG A 569 3.70 14.83 -16.68
N LEU A 570 2.42 14.40 -16.70
CA LEU A 570 1.76 13.79 -17.86
C LEU A 570 1.58 14.77 -19.03
N ASP A 571 1.80 16.07 -18.77
CA ASP A 571 1.76 17.14 -19.77
C ASP A 571 3.02 17.10 -20.65
N LEU A 572 4.08 16.40 -20.17
CA LEU A 572 5.34 16.26 -20.87
C LEU A 572 5.46 14.92 -21.58
N SER A 573 6.16 14.90 -22.72
CA SER A 573 6.45 13.67 -23.45
C SER A 573 7.54 12.94 -22.67
N ASP A 574 7.82 11.66 -22.99
CA ASP A 574 8.86 10.88 -22.30
C ASP A 574 10.23 11.55 -22.36
N GLU A 575 10.59 12.10 -23.53
CA GLU A 575 11.87 12.81 -23.72
C GLU A 575 11.95 14.04 -22.83
N GLU A 576 10.86 14.84 -22.78
CA GLU A 576 10.77 16.04 -21.95
C GLU A 576 10.83 15.69 -20.46
N ALA A 577 10.21 14.54 -20.08
CA ALA A 577 10.18 14.04 -18.70
C ALA A 577 11.60 13.69 -18.22
N VAL A 578 12.46 13.16 -19.13
CA VAL A 578 13.86 12.81 -18.87
C VAL A 578 14.61 14.09 -18.48
N HIS A 579 14.49 15.16 -19.31
CA HIS A 579 15.13 16.45 -19.06
C HIS A 579 14.60 17.15 -17.81
N TYR A 580 13.30 16.98 -17.52
CA TYR A 580 12.67 17.53 -16.31
C TYR A 580 13.26 16.85 -15.08
N MET A 581 13.35 15.49 -15.10
CA MET A 581 13.95 14.70 -14.01
C MET A 581 15.42 15.09 -13.83
N GLN A 582 16.16 15.31 -14.95
CA GLN A 582 17.56 15.74 -14.91
C GLN A 582 17.67 17.13 -14.25
N SER A 583 16.71 18.03 -14.54
CA SER A 583 16.66 19.38 -13.97
C SER A 583 16.38 19.34 -12.47
N LEU A 584 15.50 18.41 -12.02
CA LEU A 584 15.17 18.24 -10.60
C LEU A 584 16.42 17.83 -9.81
N ILE A 585 17.22 16.88 -10.36
CA ILE A 585 18.47 16.39 -9.76
C ILE A 585 19.51 17.51 -9.69
N ASP A 586 19.75 18.22 -10.82
CA ASP A 586 20.71 19.32 -10.91
C ASP A 586 20.41 20.42 -9.90
N GLU A 587 19.13 20.82 -9.78
CA GLU A 587 18.71 21.86 -8.83
C GLU A 587 18.92 21.41 -7.38
N SER A 588 18.49 20.17 -7.05
CA SER A 588 18.62 19.59 -5.71
C SER A 588 20.08 19.54 -5.28
N VAL A 589 20.98 19.05 -6.16
CA VAL A 589 22.42 18.92 -5.92
C VAL A 589 23.08 20.29 -5.68
N HIS A 590 22.76 21.28 -6.54
CA HIS A 590 23.28 22.65 -6.39
C HIS A 590 22.80 23.26 -5.06
N ALA A 591 21.50 23.09 -4.72
CA ALA A 591 20.91 23.59 -3.49
C ALA A 591 21.48 22.92 -2.23
N LEU A 592 21.67 21.58 -2.25
CA LEU A 592 22.23 20.86 -1.09
C LEU A 592 23.70 21.21 -0.81
N PHE A 593 24.51 21.40 -1.88
CA PHE A 593 25.93 21.76 -1.73
C PHE A 593 26.11 23.19 -1.23
N ALA A 594 25.20 24.11 -1.63
CA ALA A 594 25.21 25.51 -1.20
C ALA A 594 24.87 25.64 0.30
N ALA A 595 24.13 24.65 0.84
CA ALA A 595 23.71 24.47 2.24
C ALA A 595 23.58 25.76 3.09
#